data_6Z00
#
_entry.id   6Z00
#
_cell.length_a   61.863
_cell.length_b   73.862
_cell.length_c   74.610
_cell.angle_alpha   90.000
_cell.angle_beta   90.000
_cell.angle_gamma   90.000
#
_symmetry.space_group_name_H-M   'P 21 21 21'
#
loop_
_entity.id
_entity.type
_entity.pdbx_description
1 polymer 'Acyl-CoA N-acyltransferases (NAT) superfamily protein'
2 polymer MET-VAL-ASN-ALA-LEU
3 non-polymer 'CARBOXYMETHYL COENZYME *A'
4 water water
#
loop_
_entity_poly.entity_id
_entity_poly.type
_entity_poly.pdbx_seq_one_letter_code
_entity_poly.pdbx_strand_id
1 'polypeptide(L)'
;MGAGREVSVSLDGVRDKNLMQLKILNTVLFPVRYNDKYYADAIAAGEFTKLAYYNDICVGAIACRLEKKESGAMRVYIMT
LGVLAPYRGIGIGSNLLNHVLDMCSKQNMCEIYLHVQTNNEDAIKFYKKFGFEITDTIQNYYINIEPRDCYVVSKSFAQS
EANKHHHHHH
;
A,B
2 'polypeptide(L)' MVNAL C,D
#
loop_
_chem_comp.id
_chem_comp.type
_chem_comp.name
_chem_comp.formula
CMC non-polymer 'CARBOXYMETHYL COENZYME *A' 'C23 H38 N7 O18 P3 S'
#
# COMPACT_ATOMS: atom_id res chain seq x y z
N GLY A 2 16.69 4.43 -27.10
CA GLY A 2 15.32 4.66 -26.66
C GLY A 2 14.86 6.11 -26.79
N ALA A 3 13.55 6.33 -26.67
CA ALA A 3 12.98 7.65 -26.89
C ALA A 3 13.53 8.68 -25.92
N GLY A 4 13.79 8.27 -24.67
CA GLY A 4 14.35 9.17 -23.68
C GLY A 4 15.77 9.60 -23.97
N ARG A 5 16.51 8.82 -24.75
CA ARG A 5 17.89 9.17 -25.06
C ARG A 5 18.00 10.17 -26.22
N GLU A 6 16.91 10.46 -26.91
CA GLU A 6 16.95 11.23 -28.15
C GLU A 6 16.14 12.53 -28.08
N VAL A 7 15.88 13.03 -26.89
CA VAL A 7 15.20 14.30 -26.70
C VAL A 7 16.11 15.21 -25.88
N SER A 8 16.17 16.49 -26.27
CA SER A 8 17.02 17.44 -25.55
C SER A 8 16.26 17.90 -24.31
N VAL A 9 16.53 17.24 -23.20
CA VAL A 9 15.95 17.62 -21.93
CA VAL A 9 15.94 17.58 -21.91
C VAL A 9 17.07 17.76 -20.92
N SER A 10 16.89 18.69 -19.99
CA SER A 10 17.80 18.82 -18.85
CA SER A 10 17.79 18.86 -18.85
C SER A 10 17.02 18.53 -17.58
N LEU A 11 17.66 17.83 -16.65
CA LEU A 11 17.04 17.48 -15.38
C LEU A 11 17.69 18.29 -14.26
N ASP A 12 16.88 18.75 -13.31
CA ASP A 12 17.39 19.42 -12.13
C ASP A 12 16.77 18.79 -10.89
N GLY A 13 17.53 18.78 -9.80
CA GLY A 13 16.98 18.30 -8.56
C GLY A 13 15.96 19.26 -8.00
N VAL A 14 15.14 18.74 -7.08
CA VAL A 14 14.14 19.52 -6.36
C VAL A 14 14.69 19.93 -5.00
N ARG A 15 14.58 21.22 -4.69
CA ARG A 15 15.03 21.78 -3.43
C ARG A 15 14.00 22.82 -3.00
N ASP A 16 14.17 23.37 -1.80
CA ASP A 16 13.20 24.36 -1.33
C ASP A 16 13.08 25.54 -2.30
N LYS A 17 14.18 25.94 -2.93
CA LYS A 17 14.16 27.11 -3.81
C LYS A 17 13.39 26.91 -5.11
N ASN A 18 13.21 25.67 -5.59
CA ASN A 18 12.44 25.46 -6.81
C ASN A 18 11.19 24.63 -6.56
N LEU A 19 10.82 24.42 -5.29
CA LEU A 19 9.70 23.57 -4.95
C LEU A 19 8.40 24.06 -5.59
N MET A 20 8.25 25.38 -5.77
CA MET A 20 7.01 25.88 -6.34
C MET A 20 6.77 25.34 -7.74
N GLN A 21 7.83 25.09 -8.50
CA GLN A 21 7.65 24.53 -9.83
C GLN A 21 6.98 23.16 -9.74
N LEU A 22 7.43 22.32 -8.79
CA LEU A 22 6.80 21.02 -8.62
C LEU A 22 5.35 21.17 -8.15
N LYS A 23 5.09 22.15 -7.27
CA LYS A 23 3.72 22.33 -6.80
C LYS A 23 2.79 22.75 -7.93
N ILE A 24 3.25 23.62 -8.84
CA ILE A 24 2.39 23.98 -9.98
C ILE A 24 2.14 22.77 -10.86
N LEU A 25 3.21 22.05 -11.23
CA LEU A 25 3.04 20.85 -12.04
C LEU A 25 2.02 19.90 -11.42
N ASN A 26 2.15 19.63 -10.12
CA ASN A 26 1.25 18.68 -9.49
C ASN A 26 -0.20 19.18 -9.49
N THR A 27 -0.40 20.48 -9.28
CA THR A 27 -1.74 21.06 -9.29
C THR A 27 -2.44 20.81 -10.63
N VAL A 28 -1.67 20.87 -11.72
CA VAL A 28 -2.19 20.71 -13.07
C VAL A 28 -2.34 19.24 -13.44
N LEU A 29 -1.37 18.42 -13.05
CA LEU A 29 -1.28 17.06 -13.58
C LEU A 29 -2.13 16.05 -12.84
N PHE A 30 -2.35 16.21 -11.53
CA PHE A 30 -2.92 15.15 -10.71
C PHE A 30 -4.10 15.65 -9.90
N PRO A 31 -5.21 14.91 -9.87
CA PRO A 31 -6.35 15.32 -9.03
C PRO A 31 -6.12 15.08 -7.55
N VAL A 32 -5.11 14.32 -7.17
CA VAL A 32 -4.77 14.09 -5.77
C VAL A 32 -4.06 15.34 -5.24
N ARG A 33 -4.44 15.79 -4.04
CA ARG A 33 -3.80 16.94 -3.41
C ARG A 33 -2.68 16.46 -2.46
N TYR A 34 -1.46 16.89 -2.73
CA TYR A 34 -0.29 16.42 -1.99
C TYR A 34 0.08 17.42 -0.89
N ASN A 35 0.51 16.90 0.25
CA ASN A 35 0.79 17.70 1.44
C ASN A 35 2.30 17.83 1.67
N ASP A 36 2.64 18.43 2.82
CA ASP A 36 4.04 18.69 3.13
C ASP A 36 4.85 17.41 3.20
N LYS A 37 4.25 16.30 3.66
CA LYS A 37 5.01 15.06 3.76
C LYS A 37 5.45 14.58 2.38
N TYR A 38 4.60 14.73 1.37
CA TYR A 38 4.98 14.38 0.01
C TYR A 38 6.21 15.16 -0.43
N TYR A 39 6.20 16.48 -0.19
CA TYR A 39 7.31 17.31 -0.66
C TYR A 39 8.59 17.00 0.09
N ALA A 40 8.49 16.74 1.40
CA ALA A 40 9.66 16.38 2.18
C ALA A 40 10.24 15.05 1.68
N ASP A 41 9.36 14.07 1.45
CA ASP A 41 9.82 12.77 0.93
C ASP A 41 10.48 12.91 -0.43
N ALA A 42 9.87 13.72 -1.32
CA ALA A 42 10.43 13.90 -2.66
C ALA A 42 11.82 14.52 -2.60
N ILE A 43 12.00 15.56 -1.77
CA ILE A 43 13.32 16.18 -1.63
C ILE A 43 14.31 15.20 -1.01
N ALA A 44 13.85 14.41 -0.04
CA ALA A 44 14.75 13.48 0.63
C ALA A 44 15.20 12.35 -0.26
N ALA A 45 14.52 12.11 -1.38
CA ALA A 45 14.94 11.09 -2.32
C ALA A 45 16.10 11.55 -3.20
N GLY A 46 16.54 12.79 -3.04
CA GLY A 46 17.72 13.29 -3.72
C GLY A 46 17.74 13.04 -5.21
N GLU A 47 18.78 12.33 -5.67
CA GLU A 47 18.97 12.11 -7.10
C GLU A 47 17.81 11.37 -7.76
N PHE A 48 16.95 10.71 -7.00
CA PHE A 48 15.79 10.01 -7.59
C PHE A 48 14.63 10.93 -7.95
N THR A 49 14.63 12.17 -7.48
CA THR A 49 13.57 13.13 -7.80
C THR A 49 14.14 14.20 -8.72
N LYS A 50 13.46 14.44 -9.85
CA LYS A 50 13.96 15.43 -10.81
C LYS A 50 12.82 16.19 -11.46
N LEU A 51 13.09 17.47 -11.74
CA LEU A 51 12.30 18.27 -12.67
C LEU A 51 12.93 18.17 -14.06
N ALA A 52 12.07 18.18 -15.09
CA ALA A 52 12.53 18.11 -16.48
C ALA A 52 12.29 19.45 -17.17
N TYR A 53 13.30 19.91 -17.90
CA TYR A 53 13.24 21.18 -18.63
C TYR A 53 13.41 20.89 -20.12
N TYR A 54 12.50 21.43 -20.92
CA TYR A 54 12.52 21.29 -22.36
C TYR A 54 12.22 22.67 -22.91
N ASN A 55 13.02 23.12 -23.87
CA ASN A 55 12.95 24.50 -24.37
C ASN A 55 13.02 25.53 -23.24
N ASP A 56 13.83 25.24 -22.22
CA ASP A 56 13.98 26.10 -21.04
C ASP A 56 12.65 26.41 -20.37
N ILE A 57 11.77 25.41 -20.32
CA ILE A 57 10.54 25.47 -19.54
C ILE A 57 10.47 24.20 -18.72
N CYS A 58 10.05 24.32 -17.47
CA CYS A 58 9.80 23.15 -16.64
C CYS A 58 8.52 22.49 -17.12
N VAL A 59 8.63 21.26 -17.65
CA VAL A 59 7.49 20.61 -18.29
C VAL A 59 7.13 19.26 -17.67
N GLY A 60 7.86 18.80 -16.67
CA GLY A 60 7.51 17.52 -16.10
C GLY A 60 8.37 17.24 -14.89
N ALA A 61 8.05 16.13 -14.22
CA ALA A 61 8.81 15.77 -13.02
C ALA A 61 8.57 14.31 -12.70
N ILE A 62 9.56 13.72 -12.03
CA ILE A 62 9.40 12.45 -11.35
C ILE A 62 9.78 12.66 -9.89
N ALA A 63 8.93 12.21 -8.99
CA ALA A 63 9.19 12.36 -7.56
C ALA A 63 9.14 10.99 -6.92
N CYS A 64 10.17 10.66 -6.15
CA CYS A 64 10.29 9.36 -5.52
C CYS A 64 10.35 9.47 -4.00
N ARG A 65 10.12 8.33 -3.36
CA ARG A 65 10.30 8.17 -1.92
C ARG A 65 11.11 6.91 -1.73
N LEU A 66 12.11 6.96 -0.87
CA LEU A 66 13.01 5.82 -0.66
C LEU A 66 12.76 5.16 0.67
N GLU A 67 12.94 3.84 0.71
CA GLU A 67 12.84 3.07 1.94
C GLU A 67 13.95 2.03 1.95
N LYS A 68 14.65 1.89 3.07
CA LYS A 68 15.64 0.84 3.21
C LYS A 68 15.00 -0.34 3.93
N LYS A 69 15.16 -1.52 3.35
CA LYS A 69 14.59 -2.74 3.92
C LYS A 69 15.58 -3.41 4.88
N GLU A 70 15.06 -4.33 5.70
CA GLU A 70 15.91 -5.03 6.67
C GLU A 70 16.99 -5.85 5.97
N SER A 71 16.73 -6.31 4.74
CA SER A 71 17.75 -6.99 3.96
C SER A 71 18.91 -6.08 3.60
N GLY A 72 18.75 -4.76 3.77
CA GLY A 72 19.71 -3.80 3.26
C GLY A 72 19.43 -3.32 1.86
N ALA A 73 18.49 -3.96 1.16
CA ALA A 73 18.10 -3.52 -0.17
C ALA A 73 17.28 -2.24 -0.09
N MET A 74 17.25 -1.52 -1.20
CA MET A 74 16.48 -0.29 -1.29
CA MET A 74 16.50 -0.29 -1.31
C MET A 74 15.16 -0.56 -2.00
N ARG A 75 14.09 -0.01 -1.45
CA ARG A 75 12.82 0.05 -2.16
C ARG A 75 12.61 1.49 -2.62
N VAL A 76 12.34 1.67 -3.90
CA VAL A 76 12.07 2.99 -4.48
C VAL A 76 10.59 3.05 -4.82
N TYR A 77 9.89 4.03 -4.27
CA TYR A 77 8.53 4.31 -4.70
C TYR A 77 8.56 5.48 -5.66
N ILE A 78 8.01 5.29 -6.85
CA ILE A 78 7.72 6.45 -7.68
C ILE A 78 6.38 7.01 -7.19
N MET A 79 6.41 8.19 -6.59
CA MET A 79 5.17 8.78 -6.08
C MET A 79 4.37 9.41 -7.21
N THR A 80 5.03 10.21 -8.03
CA THR A 80 4.38 10.86 -9.16
C THR A 80 5.31 10.88 -10.36
N LEU A 81 4.72 10.75 -11.54
CA LEU A 81 5.41 10.97 -12.80
C LEU A 81 4.42 11.64 -13.75
N GLY A 82 4.81 12.78 -14.30
CA GLY A 82 3.92 13.44 -15.23
C GLY A 82 4.64 14.49 -16.06
N VAL A 83 4.08 14.73 -17.25
CA VAL A 83 4.59 15.69 -18.23
C VAL A 83 3.41 16.54 -18.68
N LEU A 84 3.61 17.85 -18.77
CA LEU A 84 2.53 18.72 -19.23
C LEU A 84 2.07 18.31 -20.62
N ALA A 85 0.76 18.37 -20.81
CA ALA A 85 0.14 17.84 -22.03
C ALA A 85 0.77 18.30 -23.34
N PRO A 86 1.11 19.58 -23.54
CA PRO A 86 1.68 19.98 -24.84
C PRO A 86 3.03 19.34 -25.15
N TYR A 87 3.68 18.75 -24.16
CA TYR A 87 5.02 18.21 -24.33
C TYR A 87 5.08 16.69 -24.16
N ARG A 88 3.95 16.01 -24.21
CA ARG A 88 3.91 14.56 -24.15
C ARG A 88 4.27 13.95 -25.50
N GLY A 89 4.66 12.68 -25.45
CA GLY A 89 4.91 11.93 -26.67
C GLY A 89 6.20 12.23 -27.41
N ILE A 90 7.14 12.92 -26.77
CA ILE A 90 8.41 13.24 -27.41
C ILE A 90 9.61 12.73 -26.62
N GLY A 91 9.38 11.86 -25.63
CA GLY A 91 10.47 11.21 -24.92
C GLY A 91 10.76 11.74 -23.53
N ILE A 92 10.04 12.76 -23.05
CA ILE A 92 10.39 13.37 -21.78
C ILE A 92 10.09 12.42 -20.62
N GLY A 93 8.90 11.80 -20.63
CA GLY A 93 8.58 10.84 -19.59
C GLY A 93 9.58 9.69 -19.55
N SER A 94 10.00 9.21 -20.73
CA SER A 94 10.98 8.13 -20.78
C SER A 94 12.31 8.59 -20.21
N ASN A 95 12.69 9.83 -20.48
CA ASN A 95 13.95 10.35 -19.97
C ASN A 95 13.91 10.39 -18.44
N LEU A 96 12.80 10.88 -17.87
CA LEU A 96 12.67 10.90 -16.42
C LEU A 96 12.71 9.50 -15.83
N LEU A 97 11.96 8.57 -16.41
CA LEU A 97 11.91 7.23 -15.86
C LEU A 97 13.25 6.52 -16.03
N ASN A 98 13.91 6.68 -17.18
CA ASN A 98 15.23 6.08 -17.37
C ASN A 98 16.22 6.61 -16.34
N HIS A 99 16.12 7.89 -15.98
CA HIS A 99 17.02 8.43 -14.96
C HIS A 99 16.86 7.66 -13.65
N VAL A 100 15.61 7.47 -13.21
CA VAL A 100 15.36 6.71 -12.00
C VAL A 100 15.86 5.27 -12.13
N LEU A 101 15.59 4.63 -13.26
CA LEU A 101 16.06 3.27 -13.46
C LEU A 101 17.58 3.19 -13.38
N ASP A 102 18.28 4.23 -13.86
CA ASP A 102 19.73 4.26 -13.76
C ASP A 102 20.20 4.44 -12.31
N MET A 103 19.49 5.28 -11.54
CA MET A 103 19.84 5.43 -10.13
C MET A 103 19.61 4.14 -9.36
N CYS A 104 18.57 3.39 -9.72
CA CYS A 104 18.30 2.10 -9.08
C CYS A 104 19.40 1.11 -9.37
N SER A 105 19.97 1.14 -10.58
CA SER A 105 21.01 0.17 -10.92
C SER A 105 22.27 0.34 -10.09
N LYS A 106 22.41 1.45 -9.38
CA LYS A 106 23.56 1.66 -8.50
C LYS A 106 23.33 1.12 -7.09
N GLN A 107 22.13 0.64 -6.78
CA GLN A 107 21.79 0.04 -5.50
C GLN A 107 21.43 -1.43 -5.74
N ASN A 108 22.10 -2.34 -5.03
CA ASN A 108 21.94 -3.77 -5.32
C ASN A 108 20.61 -4.31 -4.79
N MET A 109 19.95 -5.13 -5.62
CA MET A 109 18.66 -5.76 -5.28
CA MET A 109 18.66 -5.76 -5.28
C MET A 109 17.56 -4.72 -5.07
N CYS A 110 17.60 -3.65 -5.85
CA CYS A 110 16.58 -2.60 -5.76
C CYS A 110 15.24 -3.11 -6.28
N GLU A 111 14.16 -2.64 -5.68
CA GLU A 111 12.83 -2.87 -6.22
C GLU A 111 12.12 -1.53 -6.34
N ILE A 112 11.29 -1.39 -7.36
CA ILE A 112 10.58 -0.14 -7.65
C ILE A 112 9.08 -0.43 -7.67
N TYR A 113 8.30 0.43 -7.01
CA TYR A 113 6.85 0.32 -6.96
C TYR A 113 6.22 1.66 -7.33
N LEU A 114 5.05 1.58 -7.97
CA LEU A 114 4.26 2.78 -8.23
C LEU A 114 2.79 2.40 -8.25
N HIS A 115 1.93 3.42 -8.23
CA HIS A 115 0.49 3.25 -8.21
C HIS A 115 -0.10 3.97 -9.40
N VAL A 116 -1.03 3.32 -10.10
CA VAL A 116 -1.65 3.93 -11.28
C VAL A 116 -3.13 3.60 -11.27
N GLN A 117 -3.97 4.57 -11.64
CA GLN A 117 -5.40 4.33 -11.70
C GLN A 117 -5.69 3.23 -12.72
N THR A 118 -6.64 2.36 -12.39
CA THR A 118 -6.79 1.13 -13.19
C THR A 118 -7.26 1.39 -14.62
N ASN A 119 -7.83 2.55 -14.91
CA ASN A 119 -8.27 2.86 -16.27
C ASN A 119 -7.23 3.67 -17.05
N ASN A 120 -6.05 3.89 -16.48
CA ASN A 120 -4.99 4.65 -17.17
C ASN A 120 -4.23 3.70 -18.09
N GLU A 121 -4.91 3.30 -19.17
CA GLU A 121 -4.33 2.34 -20.11
C GLU A 121 -3.06 2.89 -20.74
N ASP A 122 -3.03 4.19 -21.01
CA ASP A 122 -1.85 4.80 -21.62
C ASP A 122 -0.63 4.68 -20.72
N ALA A 123 -0.78 4.98 -19.43
CA ALA A 123 0.37 4.87 -18.52
C ALA A 123 0.79 3.42 -18.33
N ILE A 124 -0.18 2.49 -18.27
CA ILE A 124 0.17 1.08 -18.11
C ILE A 124 1.02 0.60 -19.28
N LYS A 125 0.62 0.98 -20.50
CA LYS A 125 1.39 0.62 -21.69
CA LYS A 125 1.40 0.61 -21.69
C LYS A 125 2.79 1.21 -21.62
N PHE A 126 2.90 2.46 -21.16
CA PHE A 126 4.19 3.12 -21.02
C PHE A 126 5.11 2.34 -20.10
N TYR A 127 4.62 1.98 -18.90
CA TYR A 127 5.46 1.30 -17.93
C TYR A 127 5.87 -0.09 -18.39
N LYS A 128 4.98 -0.80 -19.11
CA LYS A 128 5.30 -2.15 -19.53
C LYS A 128 6.49 -2.17 -20.49
N LYS A 129 6.69 -1.10 -21.26
CA LYS A 129 7.86 -1.02 -22.13
C LYS A 129 9.16 -1.06 -21.34
N PHE A 130 9.14 -0.63 -20.08
CA PHE A 130 10.34 -0.58 -19.25
C PHE A 130 10.51 -1.81 -18.37
N GLY A 131 9.66 -2.82 -18.53
CA GLY A 131 9.80 -4.05 -17.77
C GLY A 131 8.96 -4.11 -16.51
N PHE A 132 8.14 -3.09 -16.26
CA PHE A 132 7.24 -3.14 -15.12
C PHE A 132 6.10 -4.09 -15.40
N GLU A 133 5.55 -4.64 -14.32
CA GLU A 133 4.41 -5.54 -14.41
C GLU A 133 3.37 -5.12 -13.38
N ILE A 134 2.11 -5.32 -13.73
CA ILE A 134 1.04 -5.17 -12.75
C ILE A 134 1.16 -6.34 -11.79
N THR A 135 1.38 -6.04 -10.51
CA THR A 135 1.52 -7.10 -9.53
C THR A 135 0.38 -7.15 -8.51
N ASP A 136 -0.53 -6.18 -8.52
CA ASP A 136 -1.59 -6.16 -7.53
C ASP A 136 -2.60 -5.07 -7.88
N THR A 137 -3.81 -5.17 -7.31
CA THR A 137 -4.84 -4.13 -7.36
C THR A 137 -5.21 -3.75 -5.94
N ILE A 138 -5.44 -2.46 -5.69
CA ILE A 138 -5.94 -1.98 -4.41
C ILE A 138 -7.28 -1.31 -4.66
N GLN A 139 -8.33 -1.86 -4.07
CA GLN A 139 -9.67 -1.29 -4.19
C GLN A 139 -9.78 -0.06 -3.28
N ASN A 140 -10.47 0.97 -3.79
CA ASN A 140 -10.73 2.16 -2.98
C ASN A 140 -9.45 2.84 -2.51
N TYR A 141 -8.44 2.81 -3.39
CA TYR A 141 -7.16 3.43 -3.08
C TYR A 141 -7.26 4.95 -3.07
N TYR A 142 -7.95 5.54 -4.05
CA TYR A 142 -8.14 6.98 -4.14
C TYR A 142 -9.49 7.36 -3.55
N ILE A 143 -9.56 8.58 -3.01
CA ILE A 143 -10.75 8.97 -2.24
C ILE A 143 -11.87 9.48 -3.14
N ASN A 144 -11.56 10.34 -4.11
CA ASN A 144 -12.60 11.16 -4.72
C ASN A 144 -12.73 11.03 -6.23
N ILE A 145 -11.80 10.37 -6.90
CA ILE A 145 -11.85 10.21 -8.33
C ILE A 145 -12.43 8.83 -8.65
N GLU A 146 -12.78 8.63 -9.92
CA GLU A 146 -13.34 7.35 -10.38
C GLU A 146 -12.61 6.91 -11.64
N PRO A 147 -12.16 5.64 -11.72
CA PRO A 147 -12.32 4.66 -10.64
C PRO A 147 -11.41 4.96 -9.45
N ARG A 148 -11.79 4.43 -8.29
CA ARG A 148 -11.04 4.61 -7.07
C ARG A 148 -9.93 3.58 -6.91
N ASP A 149 -9.86 2.60 -7.80
CA ASP A 149 -8.90 1.52 -7.64
C ASP A 149 -7.58 1.88 -8.31
N CYS A 150 -6.49 1.29 -7.81
CA CYS A 150 -5.20 1.43 -8.45
C CYS A 150 -4.63 0.04 -8.74
N TYR A 151 -3.73 -0.01 -9.72
CA TYR A 151 -2.78 -1.10 -9.84
C TYR A 151 -1.49 -0.74 -9.11
N VAL A 152 -0.92 -1.70 -8.41
CA VAL A 152 0.47 -1.62 -7.97
C VAL A 152 1.30 -2.19 -9.11
N VAL A 153 2.24 -1.40 -9.60
CA VAL A 153 3.07 -1.72 -10.76
C VAL A 153 4.51 -1.75 -10.28
N SER A 154 5.26 -2.79 -10.64
CA SER A 154 6.55 -2.93 -10.00
C SER A 154 7.58 -3.56 -10.93
N LYS A 155 8.84 -3.39 -10.54
CA LYS A 155 9.98 -3.94 -11.27
C LYS A 155 11.05 -4.31 -10.26
N SER A 156 11.64 -5.50 -10.41
CA SER A 156 12.72 -5.94 -9.54
C SER A 156 14.04 -5.96 -10.30
N PHE A 157 15.12 -5.68 -9.57
CA PHE A 157 16.46 -5.68 -10.14
C PHE A 157 17.29 -6.81 -9.53
N VAL B 7 -0.94 -11.40 -11.60
CA VAL B 7 -0.88 -10.68 -10.33
C VAL B 7 -0.11 -11.49 -9.27
N SER B 8 0.76 -10.81 -8.53
CA SER B 8 1.61 -11.48 -7.56
C SER B 8 0.87 -11.93 -6.31
N VAL B 9 -0.20 -11.24 -5.94
CA VAL B 9 -0.85 -11.46 -4.65
C VAL B 9 -2.05 -12.37 -4.87
N SER B 10 -2.18 -13.40 -4.03
CA SER B 10 -3.40 -14.19 -3.99
C SER B 10 -3.79 -14.47 -2.55
N LEU B 11 -5.07 -14.71 -2.33
CA LEU B 11 -5.57 -15.06 -1.02
C LEU B 11 -5.99 -16.53 -1.03
N ASP B 12 -5.78 -17.21 0.08
CA ASP B 12 -6.18 -18.61 0.22
C ASP B 12 -6.88 -18.80 1.56
N GLY B 13 -7.88 -19.67 1.59
CA GLY B 13 -8.54 -19.97 2.83
C GLY B 13 -7.67 -20.79 3.76
N VAL B 14 -8.05 -20.82 5.03
CA VAL B 14 -7.32 -21.54 6.07
C VAL B 14 -8.06 -22.81 6.43
N ARG B 15 -7.36 -23.94 6.39
CA ARG B 15 -7.90 -25.25 6.72
C ARG B 15 -6.85 -26.00 7.52
N ASP B 16 -7.16 -27.23 7.93
CA ASP B 16 -6.18 -27.99 8.70
C ASP B 16 -4.87 -28.15 7.94
N LYS B 17 -4.95 -28.30 6.61
CA LYS B 17 -3.77 -28.56 5.79
C LYS B 17 -2.74 -27.43 5.85
N ASN B 18 -3.18 -26.17 5.98
CA ASN B 18 -2.24 -25.05 5.97
C ASN B 18 -2.29 -24.25 7.26
N LEU B 19 -2.91 -24.79 8.32
CA LEU B 19 -3.02 -24.08 9.58
C LEU B 19 -1.65 -23.71 10.15
N MET B 20 -0.65 -24.56 9.94
CA MET B 20 0.66 -24.27 10.52
C MET B 20 1.25 -22.98 9.96
N GLN B 21 0.92 -22.63 8.71
CA GLN B 21 1.40 -21.37 8.17
C GLN B 21 0.86 -20.20 8.97
N LEU B 22 -0.41 -20.25 9.37
CA LEU B 22 -0.97 -19.19 10.21
C LEU B 22 -0.31 -19.17 11.58
N LYS B 23 -0.03 -20.34 12.14
CA LYS B 23 0.63 -20.38 13.44
C LYS B 23 2.02 -19.77 13.38
N ILE B 24 2.79 -20.06 12.32
CA ILE B 24 4.11 -19.44 12.21
C ILE B 24 3.99 -17.93 12.05
N LEU B 25 3.10 -17.47 11.17
CA LEU B 25 2.90 -16.04 10.99
C LEU B 25 2.57 -15.37 12.31
N ASN B 26 1.65 -15.95 13.08
CA ASN B 26 1.24 -15.33 14.34
C ASN B 26 2.40 -15.27 15.32
N THR B 27 3.22 -16.32 15.36
CA THR B 27 4.35 -16.35 16.28
C THR B 27 5.31 -15.21 15.98
N VAL B 28 5.51 -14.90 14.71
CA VAL B 28 6.41 -13.83 14.29
C VAL B 28 5.78 -12.46 14.54
N LEU B 29 4.50 -12.30 14.21
CA LEU B 29 3.91 -10.98 14.09
C LEU B 29 3.36 -10.43 15.40
N PHE B 30 2.90 -11.30 16.30
CA PHE B 30 2.13 -10.84 17.45
C PHE B 30 2.73 -11.36 18.75
N PRO B 31 2.94 -10.50 19.75
CA PRO B 31 3.43 -10.98 21.06
C PRO B 31 2.36 -11.73 21.85
N VAL B 32 1.08 -11.55 21.51
CA VAL B 32 0.03 -12.36 22.11
C VAL B 32 0.12 -13.78 21.56
N ARG B 33 0.12 -14.76 22.45
CA ARG B 33 0.18 -16.15 22.06
C ARG B 33 -1.24 -16.70 22.06
N TYR B 34 -1.68 -17.22 20.92
CA TYR B 34 -3.07 -17.64 20.73
C TYR B 34 -3.22 -19.14 20.94
N ASN B 35 -4.40 -19.54 21.40
CA ASN B 35 -4.67 -20.92 21.78
C ASN B 35 -5.59 -21.59 20.77
N ASP B 36 -6.03 -22.81 21.08
CA ASP B 36 -6.83 -23.60 20.15
C ASP B 36 -8.15 -22.93 19.81
N LYS B 37 -8.74 -22.18 20.75
CA LYS B 37 -10.01 -21.53 20.47
C LYS B 37 -9.86 -20.48 19.38
N TYR B 38 -8.74 -19.75 19.38
CA TYR B 38 -8.48 -18.80 18.31
C TYR B 38 -8.46 -19.50 16.94
N TYR B 39 -7.76 -20.63 16.85
CA TYR B 39 -7.62 -21.29 15.55
C TYR B 39 -8.94 -21.91 15.12
N ALA B 40 -9.71 -22.47 16.06
CA ALA B 40 -11.02 -22.98 15.73
C ALA B 40 -11.95 -21.87 15.24
N ASP B 41 -11.93 -20.70 15.90
CA ASP B 41 -12.77 -19.59 15.47
C ASP B 41 -12.36 -19.11 14.08
N ALA B 42 -11.04 -19.00 13.84
CA ALA B 42 -10.56 -18.53 12.56
C ALA B 42 -11.01 -19.45 11.42
N ILE B 43 -10.90 -20.76 11.62
CA ILE B 43 -11.36 -21.71 10.61
C ILE B 43 -12.87 -21.62 10.43
N ALA B 44 -13.60 -21.50 11.53
CA ALA B 44 -15.06 -21.44 11.45
C ALA B 44 -15.57 -20.20 10.74
N ALA B 45 -14.77 -19.14 10.67
CA ALA B 45 -15.20 -17.93 9.97
C ALA B 45 -15.20 -18.09 8.46
N GLY B 46 -14.74 -19.23 7.94
CA GLY B 46 -14.84 -19.48 6.50
C GLY B 46 -14.12 -18.42 5.69
N GLU B 47 -14.83 -17.87 4.71
CA GLU B 47 -14.21 -16.94 3.76
C GLU B 47 -13.72 -15.64 4.40
N PHE B 48 -14.10 -15.35 5.64
CA PHE B 48 -13.60 -14.15 6.30
C PHE B 48 -12.14 -14.29 6.76
N THR B 49 -11.62 -15.50 6.82
CA THR B 49 -10.22 -15.74 7.19
C THR B 49 -9.43 -16.12 5.96
N LYS B 50 -8.31 -15.43 5.72
CA LYS B 50 -7.50 -15.69 4.54
C LYS B 50 -6.03 -15.54 4.85
N LEU B 51 -5.21 -16.40 4.24
CA LEU B 51 -3.78 -16.18 4.12
C LEU B 51 -3.51 -15.40 2.84
N ALA B 52 -2.48 -14.56 2.86
CA ALA B 52 -2.01 -13.83 1.69
C ALA B 52 -0.70 -14.42 1.22
N TYR B 53 -0.61 -14.64 -0.09
CA TYR B 53 0.60 -15.13 -0.72
C TYR B 53 1.13 -14.09 -1.70
N TYR B 54 2.44 -13.93 -1.72
CA TYR B 54 3.11 -13.10 -2.72
C TYR B 54 3.92 -14.08 -3.56
N ASN B 55 3.52 -14.25 -4.82
CA ASN B 55 3.93 -15.38 -5.64
C ASN B 55 3.68 -16.68 -4.88
N ASP B 56 4.72 -17.46 -4.61
CA ASP B 56 4.54 -18.72 -3.91
C ASP B 56 5.09 -18.66 -2.49
N ILE B 57 4.92 -17.53 -1.80
CA ILE B 57 5.37 -17.36 -0.42
C ILE B 57 4.23 -16.84 0.43
N CYS B 58 3.98 -17.49 1.57
CA CYS B 58 2.96 -17.03 2.49
C CYS B 58 3.49 -15.86 3.31
N VAL B 59 2.81 -14.70 3.25
CA VAL B 59 3.38 -13.47 3.80
C VAL B 59 2.44 -12.73 4.74
N GLY B 60 1.20 -13.18 4.93
CA GLY B 60 0.33 -12.44 5.82
C GLY B 60 -0.98 -13.15 5.96
N ALA B 61 -1.84 -12.59 6.83
CA ALA B 61 -3.12 -13.24 7.08
C ALA B 61 -4.06 -12.26 7.77
N ILE B 62 -5.35 -12.51 7.56
CA ILE B 62 -6.40 -11.89 8.36
C ILE B 62 -7.23 -13.03 8.92
N ALA B 63 -7.46 -13.01 10.22
CA ALA B 63 -8.26 -14.05 10.86
C ALA B 63 -9.43 -13.41 11.59
N CYS B 64 -10.62 -13.91 11.34
CA CYS B 64 -11.85 -13.35 11.90
C CYS B 64 -12.57 -14.36 12.76
N ARG B 65 -13.47 -13.83 13.60
CA ARG B 65 -14.42 -14.61 14.38
C ARG B 65 -15.80 -14.07 14.07
N LEU B 66 -16.75 -14.96 13.80
CA LEU B 66 -18.09 -14.55 13.44
C LEU B 66 -19.05 -14.79 14.58
N GLU B 67 -19.97 -13.83 14.78
CA GLU B 67 -21.15 -13.99 15.62
C GLU B 67 -22.35 -13.80 14.70
N LYS B 68 -23.07 -14.89 14.43
CA LYS B 68 -24.29 -14.83 13.63
C LYS B 68 -25.48 -14.81 14.59
N LYS B 69 -26.22 -13.71 14.58
CA LYS B 69 -27.39 -13.60 15.42
C LYS B 69 -28.55 -14.40 14.81
N GLU B 70 -29.52 -14.73 15.67
CA GLU B 70 -30.68 -15.48 15.21
C GLU B 70 -31.46 -14.71 14.14
N SER B 71 -31.45 -13.37 14.22
CA SER B 71 -32.16 -12.52 13.28
C SER B 71 -31.47 -12.40 11.94
N GLY B 72 -30.33 -13.06 11.74
CA GLY B 72 -29.55 -12.88 10.54
C GLY B 72 -28.51 -11.78 10.63
N ALA B 73 -28.52 -10.98 11.70
CA ALA B 73 -27.49 -9.98 11.90
C ALA B 73 -26.17 -10.65 12.18
N MET B 74 -25.09 -10.08 11.66
CA MET B 74 -23.78 -10.67 11.84
C MET B 74 -22.83 -9.61 12.36
N ARG B 75 -22.03 -9.99 13.35
CA ARG B 75 -20.91 -9.18 13.79
C ARG B 75 -19.64 -9.91 13.43
N VAL B 76 -18.74 -9.22 12.76
CA VAL B 76 -17.45 -9.76 12.34
C VAL B 76 -16.40 -9.15 13.25
N TYR B 77 -15.64 -10.01 13.91
CA TYR B 77 -14.52 -9.57 14.75
C TYR B 77 -13.24 -9.95 14.02
N ILE B 78 -12.48 -8.96 13.58
CA ILE B 78 -11.13 -9.23 13.12
C ILE B 78 -10.28 -9.52 14.34
N MET B 79 -9.76 -10.74 14.42
CA MET B 79 -8.92 -11.09 15.56
C MET B 79 -7.48 -10.64 15.33
N THR B 80 -6.91 -10.96 14.17
CA THR B 80 -5.54 -10.59 13.84
C THR B 80 -5.47 -10.16 12.38
N LEU B 81 -4.58 -9.20 12.11
CA LEU B 81 -4.26 -8.79 10.76
C LEU B 81 -2.78 -8.44 10.75
N GLY B 82 -2.01 -9.11 9.89
CA GLY B 82 -0.59 -8.81 9.86
C GLY B 82 0.07 -9.31 8.59
N VAL B 83 1.17 -8.64 8.23
CA VAL B 83 1.97 -8.94 7.05
C VAL B 83 3.43 -8.96 7.46
N LEU B 84 4.19 -9.94 6.98
CA LEU B 84 5.61 -10.00 7.29
C LEU B 84 6.32 -8.72 6.83
N ALA B 85 7.28 -8.27 7.62
CA ALA B 85 7.91 -6.96 7.40
C ALA B 85 8.39 -6.70 5.98
N PRO B 86 9.08 -7.63 5.30
CA PRO B 86 9.55 -7.32 3.94
C PRO B 86 8.43 -7.14 2.93
N TYR B 87 7.20 -7.49 3.27
CA TYR B 87 6.09 -7.45 2.33
C TYR B 87 5.07 -6.37 2.67
N ARG B 88 5.37 -5.53 3.65
CA ARG B 88 4.50 -4.42 3.99
C ARG B 88 4.64 -3.29 2.99
N GLY B 89 3.65 -2.39 2.99
CA GLY B 89 3.74 -1.17 2.20
C GLY B 89 3.52 -1.30 0.72
N ILE B 90 3.00 -2.44 0.25
CA ILE B 90 2.77 -2.63 -1.18
C ILE B 90 1.34 -3.11 -1.46
N GLY B 91 0.44 -2.93 -0.49
CA GLY B 91 -0.98 -3.17 -0.69
C GLY B 91 -1.52 -4.48 -0.16
N ILE B 92 -0.69 -5.33 0.45
CA ILE B 92 -1.19 -6.64 0.87
C ILE B 92 -2.15 -6.52 2.04
N GLY B 93 -1.82 -5.68 3.04
CA GLY B 93 -2.75 -5.46 4.14
C GLY B 93 -4.07 -4.91 3.67
N SER B 94 -4.02 -3.99 2.70
CA SER B 94 -5.25 -3.46 2.09
C SER B 94 -6.04 -4.55 1.39
N ASN B 95 -5.36 -5.47 0.70
N ASN B 95 -5.36 -5.45 0.67
CA ASN B 95 -6.06 -6.56 0.03
CA ASN B 95 -6.04 -6.57 0.03
C ASN B 95 -6.74 -7.49 1.02
C ASN B 95 -6.77 -7.42 1.05
N LEU B 96 -6.09 -7.75 2.16
CA LEU B 96 -6.70 -8.57 3.20
C LEU B 96 -7.92 -7.88 3.81
N LEU B 97 -7.75 -6.61 4.21
CA LEU B 97 -8.85 -5.88 4.83
C LEU B 97 -10.01 -5.67 3.85
N ASN B 98 -9.70 -5.31 2.59
CA ASN B 98 -10.76 -5.09 1.61
C ASN B 98 -11.52 -6.38 1.33
N HIS B 99 -10.84 -7.53 1.40
CA HIS B 99 -11.54 -8.79 1.22
C HIS B 99 -12.65 -8.93 2.26
N VAL B 100 -12.32 -8.66 3.52
CA VAL B 100 -13.30 -8.77 4.59
C VAL B 100 -14.38 -7.70 4.45
N LEU B 101 -13.99 -6.47 4.14
CA LEU B 101 -14.99 -5.41 3.97
C LEU B 101 -15.95 -5.72 2.82
N ASP B 102 -15.44 -6.32 1.74
CA ASP B 102 -16.31 -6.67 0.63
C ASP B 102 -17.32 -7.74 1.03
N MET B 103 -16.89 -8.69 1.86
CA MET B 103 -17.83 -9.70 2.34
CA MET B 103 -17.81 -9.71 2.36
C MET B 103 -18.87 -9.10 3.27
N CYS B 104 -18.47 -8.16 4.13
CA CYS B 104 -19.43 -7.50 5.00
C CYS B 104 -20.48 -6.73 4.20
N SER B 105 -20.11 -6.27 2.99
CA SER B 105 -21.07 -5.63 2.11
C SER B 105 -22.18 -6.59 1.70
N LYS B 106 -21.88 -7.88 1.57
CA LYS B 106 -22.91 -8.84 1.20
C LYS B 106 -23.97 -8.97 2.28
N GLN B 107 -23.53 -8.99 3.54
CA GLN B 107 -24.42 -9.27 4.67
C GLN B 107 -25.10 -7.99 5.14
N ASN B 108 -26.40 -8.07 5.39
CA ASN B 108 -27.11 -6.95 5.98
C ASN B 108 -26.99 -6.99 7.51
N MET B 109 -27.22 -5.83 8.13
CA MET B 109 -27.06 -5.67 9.58
C MET B 109 -25.71 -6.17 10.06
N CYS B 110 -24.65 -5.67 9.43
CA CYS B 110 -23.30 -6.11 9.71
C CYS B 110 -22.50 -5.00 10.39
N GLU B 111 -21.69 -5.39 11.35
CA GLU B 111 -20.74 -4.50 12.00
C GLU B 111 -19.41 -5.23 12.05
N ILE B 112 -18.33 -4.48 11.99
CA ILE B 112 -16.99 -5.08 12.06
C ILE B 112 -16.16 -4.37 13.12
N TYR B 113 -15.44 -5.16 13.92
CA TYR B 113 -14.68 -4.64 15.05
C TYR B 113 -13.27 -5.18 15.01
N LEU B 114 -12.33 -4.39 15.53
CA LEU B 114 -10.99 -4.87 15.78
C LEU B 114 -10.45 -4.24 17.05
N HIS B 115 -9.37 -4.81 17.56
CA HIS B 115 -8.71 -4.30 18.75
C HIS B 115 -7.27 -4.01 18.40
N VAL B 116 -6.79 -2.83 18.80
CA VAL B 116 -5.45 -2.38 18.43
C VAL B 116 -4.77 -1.76 19.63
N GLN B 117 -3.51 -2.11 19.87
CA GLN B 117 -2.76 -1.50 20.96
C GLN B 117 -2.71 0.01 20.76
N THR B 118 -2.86 0.77 21.85
CA THR B 118 -3.02 2.22 21.70
C THR B 118 -1.80 2.91 21.14
N ASN B 119 -0.61 2.30 21.20
CA ASN B 119 0.58 2.90 20.66
C ASN B 119 0.85 2.54 19.20
N ASN B 120 -0.03 1.72 18.59
CA ASN B 120 0.16 1.29 17.20
C ASN B 120 -0.41 2.36 16.27
N GLU B 121 0.32 3.49 16.23
CA GLU B 121 -0.13 4.66 15.48
C GLU B 121 -0.30 4.34 13.99
N ASP B 122 0.62 3.54 13.42
CA ASP B 122 0.57 3.23 12.00
C ASP B 122 -0.67 2.43 11.63
N ALA B 123 -1.01 1.42 12.44
CA ALA B 123 -2.21 0.64 12.13
C ALA B 123 -3.47 1.47 12.28
N ILE B 124 -3.50 2.35 13.30
CA ILE B 124 -4.68 3.18 13.51
C ILE B 124 -4.94 4.07 12.28
N LYS B 125 -3.87 4.67 11.74
CA LYS B 125 -4.03 5.50 10.54
C LYS B 125 -4.53 4.69 9.36
N PHE B 126 -4.04 3.46 9.21
CA PHE B 126 -4.51 2.55 8.16
C PHE B 126 -6.01 2.30 8.27
N TYR B 127 -6.48 1.94 9.46
CA TYR B 127 -7.90 1.61 9.62
C TYR B 127 -8.76 2.82 9.33
N LYS B 128 -8.31 4.00 9.73
CA LYS B 128 -9.09 5.21 9.50
C LYS B 128 -9.24 5.50 8.01
N LYS B 129 -8.24 5.14 7.20
CA LYS B 129 -8.35 5.34 5.76
C LYS B 129 -9.43 4.46 5.14
N PHE B 130 -9.82 3.38 5.82
CA PHE B 130 -10.83 2.46 5.33
C PHE B 130 -12.16 2.65 6.02
N GLY B 131 -12.34 3.75 6.72
CA GLY B 131 -13.64 4.11 7.28
C GLY B 131 -13.91 3.67 8.70
N PHE B 132 -12.91 3.09 9.38
CA PHE B 132 -13.09 2.73 10.78
C PHE B 132 -12.87 3.96 11.65
N GLU B 133 -13.39 3.89 12.88
CA GLU B 133 -13.18 4.91 13.89
C GLU B 133 -12.92 4.25 15.22
N ILE B 134 -12.17 4.93 16.08
CA ILE B 134 -12.00 4.48 17.46
C ILE B 134 -13.32 4.72 18.19
N THR B 135 -13.85 3.67 18.81
CA THR B 135 -15.11 3.78 19.53
C THR B 135 -15.01 3.54 21.02
N ASP B 136 -13.90 3.01 21.51
CA ASP B 136 -13.68 2.88 22.95
C ASP B 136 -12.20 2.64 23.21
N THR B 137 -11.82 2.88 24.46
CA THR B 137 -10.50 2.54 24.98
C THR B 137 -10.72 1.61 26.16
N ILE B 138 -10.05 0.46 26.14
CA ILE B 138 -10.13 -0.51 27.23
C ILE B 138 -8.81 -0.51 27.98
N GLN B 139 -8.85 -0.14 29.26
CA GLN B 139 -7.67 -0.24 30.10
C GLN B 139 -7.47 -1.68 30.51
N ASN B 140 -6.20 -2.10 30.60
CA ASN B 140 -5.87 -3.44 31.10
C ASN B 140 -6.50 -4.53 30.24
N TYR B 141 -6.52 -4.28 28.94
CA TYR B 141 -7.03 -5.26 27.99
C TYR B 141 -6.05 -6.40 27.79
N TYR B 142 -4.78 -6.09 27.55
CA TYR B 142 -3.79 -7.13 27.37
C TYR B 142 -3.29 -7.58 28.74
N ILE B 143 -2.92 -8.86 28.80
CA ILE B 143 -2.49 -9.51 30.03
C ILE B 143 -0.97 -9.75 30.06
N ASN B 144 -0.34 -9.81 28.89
CA ASN B 144 1.03 -10.29 28.76
C ASN B 144 1.98 -9.28 28.17
N ILE B 145 1.50 -8.12 27.74
CA ILE B 145 2.32 -7.13 27.05
C ILE B 145 2.00 -5.74 27.58
N GLU B 146 2.89 -4.79 27.26
CA GLU B 146 2.81 -3.39 27.60
C GLU B 146 2.89 -2.54 26.34
N PRO B 147 2.14 -1.43 26.25
CA PRO B 147 1.14 -0.97 27.23
C PRO B 147 -0.05 -1.93 27.24
N ARG B 148 -0.86 -1.87 28.29
CA ARG B 148 -1.92 -2.84 28.42
C ARG B 148 -3.23 -2.40 27.78
N ASP B 149 -3.33 -1.15 27.33
CA ASP B 149 -4.61 -0.68 26.83
C ASP B 149 -4.77 -0.94 25.33
N CYS B 150 -6.01 -1.01 24.89
CA CYS B 150 -6.30 -1.12 23.47
C CYS B 150 -7.39 -0.12 23.11
N TYR B 151 -7.46 0.19 21.82
CA TYR B 151 -8.61 0.83 21.23
C TYR B 151 -9.50 -0.23 20.60
N VAL B 152 -10.79 -0.07 20.77
CA VAL B 152 -11.77 -0.76 19.94
C VAL B 152 -12.01 0.11 18.72
N VAL B 153 -11.86 -0.49 17.54
CA VAL B 153 -11.94 0.20 16.26
C VAL B 153 -13.03 -0.48 15.46
N SER B 154 -13.99 0.28 14.94
CA SER B 154 -15.14 -0.36 14.35
C SER B 154 -15.68 0.41 13.15
N LYS B 155 -16.50 -0.30 12.37
CA LYS B 155 -17.15 0.26 11.19
C LYS B 155 -18.53 -0.38 11.07
N SER B 156 -19.53 0.44 10.73
CA SER B 156 -20.87 -0.04 10.46
C SER B 156 -21.22 0.24 9.01
N PHE B 157 -22.21 -0.47 8.51
CA PHE B 157 -22.55 -0.41 7.09
C PHE B 157 -23.98 0.07 6.86
N MET C 1 0.82 7.87 -9.67
CA MET C 1 0.10 8.78 -8.84
C MET C 1 -0.27 8.17 -7.53
N VAL C 2 0.52 8.39 -6.47
CA VAL C 2 0.26 7.87 -5.15
C VAL C 2 -1.01 8.66 -4.62
N ASN C 3 -1.79 8.04 -3.65
CA ASN C 3 -2.95 8.71 -3.08
C ASN C 3 -2.43 9.84 -2.07
N ALA C 4 -3.31 10.68 -1.42
CA ALA C 4 -2.91 11.77 -0.49
C ALA C 4 -2.02 11.30 0.74
N LEU C 5 -0.63 11.56 0.75
CA LEU C 5 0.37 11.19 1.81
C LEU C 5 1.83 11.44 1.21
N MET D 1 -5.00 -6.94 16.76
CA MET D 1 -4.45 -7.94 17.62
C MET D 1 -5.28 -8.12 18.87
N VAL D 2 -6.21 -9.09 18.91
CA VAL D 2 -7.00 -9.29 20.08
C VAL D 2 -6.08 -9.94 21.17
N ASN D 3 -6.52 -9.92 22.46
CA ASN D 3 -5.75 -10.56 23.51
C ASN D 3 -6.03 -12.11 23.35
N ALA D 4 -5.50 -13.03 24.18
CA ALA D 4 -5.77 -14.45 23.95
C ALA D 4 -7.00 -14.99 24.72
N LEU D 5 -8.00 -14.12 25.19
CA LEU D 5 -9.20 -14.57 25.94
C LEU D 5 -10.49 -14.64 25.02
N1A CMC E . 1.07 10.71 -24.36
C2A CMC E . 1.31 9.68 -23.48
N3A CMC E . 1.74 8.43 -23.69
C4A CMC E . 1.95 8.15 -25.03
C5A CMC E . 1.72 9.13 -26.07
C6A CMC E . 1.27 10.43 -25.68
N6A CMC E . 1.02 11.46 -26.59
N7A CMC E . 2.02 8.56 -27.31
C8A CMC E . 2.40 7.28 -27.03
N9A CMC E . 2.38 6.97 -25.64
C1B CMC E . 2.77 5.59 -25.02
C2B CMC E . 3.58 4.73 -26.01
O2B CMC E . 3.63 3.47 -25.43
C3B CMC E . 4.96 5.54 -26.00
O3B CMC E . 5.99 4.79 -26.34
P3B CMC E . 7.44 5.62 -27.20
O7A CMC E . 7.50 4.85 -28.49
O8A CMC E . 8.50 5.35 -26.16
O9A CMC E . 7.01 7.06 -27.29
C4B CMC E . 5.01 6.07 -24.49
O4B CMC E . 3.66 5.84 -23.96
C5B CMC E . 5.42 7.58 -24.42
O5B CMC E . 6.76 7.86 -24.44
P1A CMC E . 7.30 9.39 -23.88
O1A CMC E . 8.59 9.24 -23.17
O2A CMC E . 7.09 10.33 -25.00
O3A CMC E . 6.30 9.78 -22.68
P2A CMC E . 5.60 11.06 -22.22
O4A CMC E . 6.62 12.15 -22.05
O5A CMC E . 4.26 11.27 -22.82
O6A CMC E . 5.17 10.69 -20.59
CBP CMC E . 3.46 9.97 -19.21
CCP CMC E . 4.45 9.59 -20.33
CDP CMC E . 4.27 10.33 -17.96
CEP CMC E . 2.52 8.78 -18.92
CAP CMC E . 2.75 11.23 -19.72
OAP CMC E . 1.95 10.91 -20.84
C9P CMC E . 1.78 11.87 -18.70
O9P CMC E . 2.20 12.71 -17.92
N8P CMC E . 0.42 11.53 -18.64
C7P CMC E . -0.54 12.13 -17.72
C6P CMC E . -0.25 11.82 -16.27
C5P CMC E . -0.05 10.39 -15.92
O5P CMC E . -0.83 9.49 -16.24
N4P CMC E . 1.09 9.98 -15.22
C3P CMC E . 1.36 8.63 -14.80
C2P CMC E . 0.51 8.27 -13.60
S1P CMC E . 1.09 6.78 -12.77
C1 CMC E . 2.38 7.23 -11.46
C2 CMC E . 1.75 8.26 -10.57
O21 CMC E . 2.00 9.47 -10.72
N1A CMC F . 3.64 -0.54 8.71
C2A CMC F . 2.41 -0.09 9.15
N3A CMC F . 1.44 0.53 8.46
C4A CMC F . 1.77 0.71 7.13
C5A CMC F . 3.02 0.29 6.55
C6A CMC F . 3.95 -0.35 7.40
N6A CMC F . 5.18 -0.80 6.97
N7A CMC F . 3.04 0.62 5.19
C8A CMC F . 1.82 1.21 4.98
N9A CMC F . 1.04 1.29 6.15
C1B CMC F . -0.33 1.87 6.26
C2B CMC F . -0.47 3.15 5.42
O2B CMC F . -1.33 3.96 6.17
C3B CMC F . -1.18 2.60 4.13
O3B CMC F . -1.94 3.53 3.63
P3B CMC F . -2.12 3.84 1.86
O7A CMC F . -2.28 5.33 1.82
O8A CMC F . -3.35 3.00 1.59
O9A CMC F . -0.85 3.27 1.25
C4B CMC F . -2.03 1.43 4.73
O4B CMC F . -1.21 0.87 5.77
C5B CMC F . -2.30 0.38 3.66
O5B CMC F . -1.17 0.12 2.94
P1A CMC F . -0.69 -1.45 2.70
O1A CMC F . 0.52 -1.34 1.85
O2A CMC F . -1.88 -2.24 2.32
O3A CMC F . -0.30 -1.97 4.16
P2A CMC F . 0.49 -3.20 4.72
O4A CMC F . 0.47 -4.34 3.74
O5A CMC F . 1.74 -2.73 5.35
O6A CMC F . -0.49 -3.71 5.98
CBP CMC F . -0.47 -3.62 8.36
CCP CMC F . -0.80 -2.88 7.01
CDP CMC F . -1.41 -4.81 8.50
CEP CMC F . -0.63 -2.66 9.56
CAP CMC F . 0.96 -4.14 8.22
OAP CMC F . 1.89 -3.05 8.13
C9P CMC F . 1.43 -4.91 9.44
O9P CMC F . 1.22 -6.11 9.52
N8P CMC F . 2.08 -4.29 10.52
C7P CMC F . 2.55 -4.99 11.70
C6P CMC F . 1.42 -5.69 12.46
C5P CMC F . 0.24 -4.87 12.82
O5P CMC F . 0.31 -3.76 13.35
N4P CMC F . -1.03 -5.32 12.54
C3P CMC F . -2.24 -4.63 12.90
C2P CMC F . -2.55 -4.90 14.39
S1P CMC F . -4.21 -4.37 14.84
C1 CMC F . -5.39 -5.81 14.60
C2 CMC F . -4.85 -6.98 15.41
O21 CMC F . -4.21 -7.87 14.84
#